data_9CJW
#
_entry.id   9CJW
#
_cell.length_a   39.173
_cell.length_b   39.173
_cell.length_c   479.389
_cell.angle_alpha   90.000
_cell.angle_beta   90.000
_cell.angle_gamma   120.000
#
_symmetry.space_group_name_H-M   'H 3 2'
#
loop_
_entity.id
_entity.type
_entity.pdbx_description
1 polymer "DNA (5'-D(*GP*CP*TP*GP*GP*AP*AP*AP*GP*TP*TP*T)-3')"
2 polymer "DNA (5'-D(*GP*CP*TP*GP*GP*AP*AP*AP*GP*TP*TP*TP*AP*AP*AP*CP*TP*TP*TP*CP*CP*AP*GP*C)-3')"
3 polymer "DNA (5'-D(P*AP*AP*AP*CP*TP*TP*TP*CP*CP*AP*GP*C)-3')"
4 non-polymer "4,4'-[pyridine-2,6-diylbis(methyleneoxy)]di(benzene-1-carboximidamide)"
5 non-polymer 'CALCIUM ION'
6 water water
#
loop_
_entity_poly.entity_id
_entity_poly.type
_entity_poly.pdbx_seq_one_letter_code
_entity_poly.pdbx_strand_id
1 'polydeoxyribonucleotide' (DG)(DC)(DT)(DG)(DG)(DA)(DA)(DA)(DG)(DT)(DT)(DT) A
2 'polydeoxyribonucleotide'
;(DG)(DC)(DT)(DG)(DG)(DA)(DA)(DA)(DG)(DT)(DT)(DT)(DA)(DA)(DA)(DC)(DT)(DT)(DT)(DC)
(DC)(DA)(DG)(DC)
;
C
3 'polydeoxyribonucleotide' (DA)(DA)(DA)(DC)(DT)(DT)(DT)(DC)(DC)(DA)(DG)(DC) B
#